data_2HY8
#
_entry.id   2HY8
#
_cell.length_a   50.865
_cell.length_b   103.828
_cell.length_c   123.193
_cell.angle_alpha   90.00
_cell.angle_beta   90.00
_cell.angle_gamma   90.00
#
_symmetry.space_group_name_H-M   'C 2 2 21'
#
loop_
_entity.id
_entity.type
_entity.pdbx_description
1 polymer 'Serine/threonine-protein kinase PAK 1'
2 non-polymer '(5S,6R,7R,9R)-12-HYDROXY-6-METHOXY-5-METHYL-7-(METHYLAMINO)-6,7,8,9-TETRAHYDRO-5H,14H-5,9-EPOXY-4B,9A,15-TRIAZADIBENZO[ B,H]CYCLONONA[1,2,3,4-JKL]CYCLOPENTA[E]-AS-INDACEN-14-ONE'
3 water water
#
_entity_poly.entity_id   1
_entity_poly.type   'polypeptide(L)'
_entity_poly.pdbx_seq_one_letter_code
;SDEEILEKLRSIVSVGDPKKKYTRFEKIGQGASGTVYTAMDVATGQEVAIRQMNLQQQPKKELIINEILVMRENKNPNIV
NYLDSYLVGDELWVVMEYLAGGSLTDVVTETCMDEGQIAAVCRECLQALEFLHSNQVIHRDIKSDNILLGMDGSVKLTDF
GFCAQITPEQSKRSEMVGTPYWMAPEVVTRKAYGPKVDIWSLGIMAIEMIEGEPPYLNENPLRALYLIATNGTPELQNPE
KLSAIFRDFLNRCLDMDVEKRGSAKELLQHQFLKIAKPLSSLTPLIAAAKEATKNNH
;
_entity_poly.pdbx_strand_id   1
#
loop_
_chem_comp.id
_chem_comp.type
_chem_comp.name
_chem_comp.formula
1ST non-polymer '(5S,6R,7R,9R)-12-HYDROXY-6-METHOXY-5-METHYL-7-(METHYLAMINO)-6,7,8,9-TETRAHYDRO-5H,14H-5,9-EPOXY-4B,9A,15-TRIAZADIBENZO[ B,H]CYCLONONA[1,2,3,4-JKL]CYCLOPENTA[E]-AS-INDACEN-14-ONE' 'C28 H24 N4 O4'
#
# COMPACT_ATOMS: atom_id res chain seq x y z
N SER A 1 19.71 9.82 18.85
CA SER A 1 19.75 11.28 19.12
C SER A 1 19.45 12.08 17.86
N ASP A 2 18.58 13.08 17.98
CA ASP A 2 18.19 13.91 16.86
C ASP A 2 19.43 14.35 16.07
N GLU A 3 20.58 14.35 16.72
CA GLU A 3 21.83 14.74 16.08
C GLU A 3 22.39 13.60 15.25
N GLU A 4 22.59 12.44 15.88
CA GLU A 4 23.10 11.27 15.18
C GLU A 4 22.12 10.86 14.09
N ILE A 5 20.85 11.17 14.32
CA ILE A 5 19.80 10.86 13.37
C ILE A 5 19.84 11.82 12.19
N LEU A 6 20.13 13.09 12.47
CA LEU A 6 20.20 14.09 11.41
C LEU A 6 21.40 13.84 10.50
N GLU A 7 22.49 13.33 11.05
CA GLU A 7 23.66 13.05 10.24
C GLU A 7 23.38 11.85 9.34
N LYS A 8 22.59 10.92 9.85
CA LYS A 8 22.22 9.73 9.08
C LYS A 8 21.46 10.19 7.85
N LEU A 9 20.45 11.04 8.07
CA LEU A 9 19.66 11.58 6.97
C LEU A 9 20.53 12.38 6.02
N ARG A 10 21.44 13.17 6.58
CA ARG A 10 22.34 13.99 5.75
C ARG A 10 23.13 13.14 4.76
N SER A 11 23.57 11.95 5.18
CA SER A 11 24.35 11.07 4.32
C SER A 11 23.47 10.44 3.25
N ILE A 12 22.20 10.25 3.58
CA ILE A 12 21.25 9.63 2.67
C ILE A 12 20.77 10.53 1.52
N VAL A 13 20.39 11.76 1.84
CA VAL A 13 19.86 12.67 0.84
C VAL A 13 20.83 13.30 -0.13
N SER A 14 20.31 13.84 -1.22
CA SER A 14 21.12 14.52 -2.21
C SER A 14 21.46 15.88 -1.60
N VAL A 15 22.54 16.50 -2.05
CA VAL A 15 22.93 17.79 -1.49
C VAL A 15 22.14 18.95 -2.11
N GLY A 16 22.08 20.07 -1.38
CA GLY A 16 21.39 21.25 -1.88
C GLY A 16 19.91 21.41 -1.57
N ASP A 17 19.30 22.39 -2.25
CA ASP A 17 17.89 22.71 -2.06
C ASP A 17 17.08 22.35 -3.29
N PRO A 18 15.92 21.71 -3.09
CA PRO A 18 15.04 21.30 -4.19
C PRO A 18 14.23 22.43 -4.82
N LYS A 19 14.00 23.50 -4.06
CA LYS A 19 13.20 24.63 -4.53
C LYS A 19 13.51 25.08 -5.96
N LYS A 20 14.77 24.97 -6.37
CA LYS A 20 15.15 25.36 -7.71
C LYS A 20 14.93 24.24 -8.73
N LYS A 21 14.66 23.04 -8.24
CA LYS A 21 14.47 21.91 -9.12
C LYS A 21 13.02 21.62 -9.54
N TYR A 22 12.06 22.00 -8.70
CA TYR A 22 10.67 21.76 -9.02
C TYR A 22 9.78 22.99 -8.93
N THR A 23 8.74 23.04 -9.76
CA THR A 23 7.81 24.16 -9.78
C THR A 23 6.35 23.72 -9.70
N ARG A 24 5.45 24.68 -9.84
CA ARG A 24 4.01 24.45 -9.81
C ARG A 24 3.52 23.44 -8.78
N PHE A 25 3.80 23.70 -7.51
CA PHE A 25 3.38 22.80 -6.45
C PHE A 25 1.87 22.82 -6.24
N GLU A 26 1.31 21.64 -5.98
CA GLU A 26 -0.13 21.49 -5.76
C GLU A 26 -0.36 20.41 -4.70
N LYS A 27 -0.95 20.78 -3.58
CA LYS A 27 -1.21 19.82 -2.51
C LYS A 27 -2.22 18.75 -2.96
N ILE A 28 -1.90 17.49 -2.69
CA ILE A 28 -2.78 16.39 -3.07
C ILE A 28 -3.10 15.45 -1.92
N GLY A 29 -2.52 15.71 -0.75
CA GLY A 29 -2.77 14.85 0.39
C GLY A 29 -1.93 15.16 1.62
N GLN A 30 -2.18 14.44 2.70
CA GLN A 30 -1.45 14.65 3.94
C GLN A 30 -1.52 13.43 4.84
N GLY A 31 -0.46 13.21 5.62
CA GLY A 31 -0.41 12.07 6.52
C GLY A 31 0.48 12.38 7.71
N ALA A 32 0.73 11.38 8.54
CA ALA A 32 1.57 11.56 9.71
C ALA A 32 3.04 11.76 9.32
N SER A 33 3.34 11.57 8.04
CA SER A 33 4.70 11.72 7.55
C SER A 33 4.89 13.03 6.79
N GLY A 34 3.85 13.86 6.75
CA GLY A 34 3.95 15.13 6.06
C GLY A 34 2.89 15.40 5.03
N THR A 35 3.05 16.50 4.30
CA THR A 35 2.12 16.91 3.26
C THR A 35 2.67 16.50 1.90
N VAL A 36 1.81 15.95 1.04
CA VAL A 36 2.24 15.52 -0.30
C VAL A 36 1.74 16.48 -1.38
N TYR A 37 2.64 16.88 -2.27
CA TYR A 37 2.33 17.79 -3.36
C TYR A 37 2.66 17.19 -4.70
N THR A 38 2.01 17.73 -5.73
CA THR A 38 2.26 17.32 -7.10
C THR A 38 3.17 18.48 -7.54
N ALA A 39 4.23 18.18 -8.28
CA ALA A 39 5.13 19.22 -8.75
C ALA A 39 5.73 18.88 -10.11
N MET A 40 6.22 19.92 -10.77
CA MET A 40 6.82 19.82 -12.08
C MET A 40 8.34 19.86 -12.03
N ASP A 41 8.98 18.83 -12.57
CA ASP A 41 10.44 18.79 -12.59
C ASP A 41 10.87 19.80 -13.66
N VAL A 42 11.52 20.87 -13.24
CA VAL A 42 11.98 21.90 -14.16
C VAL A 42 12.84 21.38 -15.30
N ALA A 43 13.76 20.49 -14.99
CA ALA A 43 14.66 19.92 -16.00
C ALA A 43 14.03 18.91 -16.95
N THR A 44 13.57 17.78 -16.41
CA THR A 44 12.97 16.74 -17.24
C THR A 44 11.55 17.03 -17.71
N GLY A 45 10.79 17.75 -16.91
CA GLY A 45 9.41 18.05 -17.29
C GLY A 45 8.49 16.97 -16.76
N GLN A 46 9.02 16.10 -15.90
CA GLN A 46 8.24 15.02 -15.31
C GLN A 46 7.46 15.53 -14.10
N GLU A 47 6.18 15.18 -14.03
CA GLU A 47 5.36 15.58 -12.90
C GLU A 47 5.61 14.56 -11.81
N VAL A 48 5.99 15.01 -10.62
CA VAL A 48 6.29 14.11 -9.52
C VAL A 48 5.45 14.36 -8.27
N ALA A 49 5.61 13.47 -7.29
CA ALA A 49 4.90 13.58 -6.02
C ALA A 49 5.93 13.86 -4.92
N ILE A 50 5.83 15.02 -4.28
CA ILE A 50 6.78 15.39 -3.24
C ILE A 50 6.17 15.53 -1.86
N ARG A 51 6.74 14.80 -0.90
CA ARG A 51 6.27 14.88 0.47
C ARG A 51 7.23 15.75 1.26
N GLN A 52 6.70 16.79 1.89
CA GLN A 52 7.54 17.67 2.70
C GLN A 52 7.19 17.47 4.17
N MET A 53 8.22 17.35 4.99
CA MET A 53 8.03 17.12 6.41
C MET A 53 9.01 17.90 7.27
N ASN A 54 8.53 18.44 8.38
CA ASN A 54 9.39 19.18 9.29
C ASN A 54 9.90 18.21 10.35
N LEU A 55 11.21 17.97 10.36
CA LEU A 55 11.81 17.04 11.30
C LEU A 55 11.56 17.40 12.76
N GLN A 56 11.79 18.66 13.12
CA GLN A 56 11.57 19.11 14.48
C GLN A 56 10.27 18.53 15.03
N GLN A 57 9.22 18.62 14.22
CA GLN A 57 7.92 18.10 14.61
C GLN A 57 7.67 16.71 14.03
N GLN A 58 8.51 15.75 14.40
CA GLN A 58 8.37 14.39 13.91
C GLN A 58 8.79 13.37 14.97
N PRO A 59 7.81 12.62 15.51
CA PRO A 59 7.98 11.59 16.54
C PRO A 59 9.01 10.50 16.27
N LYS A 60 8.73 9.64 15.29
CA LYS A 60 9.62 8.55 14.96
C LYS A 60 10.51 8.82 13.74
N LYS A 61 11.69 9.37 13.99
CA LYS A 61 12.63 9.67 12.92
C LYS A 61 13.14 8.38 12.29
N GLU A 62 13.33 7.37 13.13
CA GLU A 62 13.83 6.07 12.67
C GLU A 62 12.96 5.50 11.55
N LEU A 63 11.65 5.63 11.70
CA LEU A 63 10.72 5.09 10.72
C LEU A 63 10.80 5.76 9.36
N ILE A 64 11.06 7.06 9.33
CA ILE A 64 11.16 7.78 8.06
C ILE A 64 12.45 7.36 7.36
N ILE A 65 13.52 7.18 8.12
CA ILE A 65 14.79 6.77 7.54
C ILE A 65 14.63 5.37 6.95
N ASN A 66 14.02 4.48 7.73
CA ASN A 66 13.78 3.11 7.29
C ASN A 66 12.90 3.11 6.03
N GLU A 67 11.92 4.00 6.01
CA GLU A 67 11.02 4.09 4.85
C GLU A 67 11.82 4.43 3.59
N ILE A 68 12.69 5.42 3.71
CA ILE A 68 13.50 5.84 2.56
C ILE A 68 14.47 4.74 2.13
N LEU A 69 15.16 4.13 3.09
CA LEU A 69 16.13 3.09 2.78
C LEU A 69 15.48 1.85 2.14
N VAL A 70 14.29 1.50 2.59
CA VAL A 70 13.59 0.35 2.02
C VAL A 70 13.20 0.64 0.57
N MET A 71 12.64 1.82 0.33
CA MET A 71 12.25 2.18 -1.03
C MET A 71 13.44 2.21 -1.95
N ARG A 72 14.53 2.81 -1.50
CA ARG A 72 15.74 2.90 -2.31
C ARG A 72 16.27 1.56 -2.78
N GLU A 73 16.32 0.58 -1.88
CA GLU A 73 16.87 -0.72 -2.24
C GLU A 73 15.89 -1.82 -2.62
N ASN A 74 14.61 -1.49 -2.82
CA ASN A 74 13.64 -2.52 -3.21
C ASN A 74 12.74 -2.00 -4.33
N LYS A 75 13.37 -1.58 -5.42
CA LYS A 75 12.64 -1.06 -6.57
C LYS A 75 11.93 -2.22 -7.25
N ASN A 76 10.75 -1.95 -7.79
CA ASN A 76 9.94 -2.96 -8.47
C ASN A 76 8.86 -2.24 -9.29
N PRO A 77 8.49 -2.78 -10.45
CA PRO A 77 7.47 -2.15 -11.31
C PRO A 77 6.13 -1.91 -10.63
N ASN A 78 5.81 -2.67 -9.59
CA ASN A 78 4.54 -2.49 -8.91
C ASN A 78 4.62 -1.72 -7.62
N ILE A 79 5.73 -1.01 -7.43
CA ILE A 79 5.93 -0.17 -6.25
C ILE A 79 6.19 1.25 -6.75
N VAL A 80 5.44 2.22 -6.24
CA VAL A 80 5.64 3.61 -6.65
C VAL A 80 7.14 3.91 -6.50
N ASN A 81 7.75 4.36 -7.58
CA ASN A 81 9.19 4.63 -7.60
C ASN A 81 9.66 5.81 -6.76
N TYR A 82 10.70 5.56 -5.96
CA TYR A 82 11.32 6.58 -5.13
C TYR A 82 12.41 7.20 -5.99
N LEU A 83 12.39 8.52 -6.11
CA LEU A 83 13.37 9.21 -6.94
C LEU A 83 14.54 9.86 -6.21
N ASP A 84 14.25 10.62 -5.16
CA ASP A 84 15.32 11.29 -4.43
C ASP A 84 14.79 11.89 -3.13
N SER A 85 15.68 12.53 -2.39
CA SER A 85 15.32 13.17 -1.14
C SER A 85 16.31 14.29 -0.86
N TYR A 86 15.87 15.28 -0.09
CA TYR A 86 16.69 16.42 0.26
C TYR A 86 16.42 16.84 1.69
N LEU A 87 17.36 17.56 2.27
CA LEU A 87 17.22 18.04 3.64
C LEU A 87 17.74 19.47 3.71
N VAL A 88 16.82 20.41 3.95
CA VAL A 88 17.18 21.82 4.05
C VAL A 88 16.83 22.26 5.46
N GLY A 89 17.83 22.38 6.32
CA GLY A 89 17.58 22.74 7.70
C GLY A 89 16.82 21.60 8.34
N ASP A 90 15.60 21.88 8.81
CA ASP A 90 14.77 20.86 9.43
C ASP A 90 13.71 20.38 8.45
N GLU A 91 13.83 20.80 7.19
CA GLU A 91 12.84 20.44 6.19
C GLU A 91 13.31 19.28 5.31
N LEU A 92 12.67 18.13 5.48
CA LEU A 92 12.98 16.93 4.71
C LEU A 92 12.03 16.80 3.53
N TRP A 93 12.60 16.49 2.36
CA TRP A 93 11.83 16.31 1.15
C TRP A 93 12.04 14.91 0.60
N VAL A 94 10.95 14.24 0.21
CA VAL A 94 11.03 12.91 -0.38
C VAL A 94 10.30 12.99 -1.71
N VAL A 95 11.02 12.77 -2.79
CA VAL A 95 10.47 12.83 -4.13
C VAL A 95 10.24 11.43 -4.73
N MET A 96 9.07 11.25 -5.33
CA MET A 96 8.74 9.97 -5.96
C MET A 96 7.85 10.18 -7.17
N GLU A 97 7.64 9.14 -7.97
CA GLU A 97 6.81 9.31 -9.15
C GLU A 97 5.37 9.59 -8.73
N TYR A 98 4.66 10.26 -9.62
CA TYR A 98 3.27 10.63 -9.38
C TYR A 98 2.32 9.80 -10.24
N LEU A 99 1.36 9.14 -9.60
CA LEU A 99 0.37 8.36 -10.33
C LEU A 99 -0.87 9.25 -10.36
N ALA A 100 -1.18 9.79 -11.53
CA ALA A 100 -2.29 10.70 -11.71
C ALA A 100 -3.67 10.05 -11.64
N GLY A 101 -3.72 8.72 -11.70
CA GLY A 101 -4.98 8.02 -11.66
C GLY A 101 -5.70 8.00 -10.32
N GLY A 102 -5.05 8.43 -9.25
CA GLY A 102 -5.69 8.42 -7.95
C GLY A 102 -5.54 7.08 -7.24
N SER A 103 -6.32 6.85 -6.20
CA SER A 103 -6.24 5.60 -5.44
C SER A 103 -7.32 4.59 -5.82
N LEU A 104 -7.11 3.35 -5.37
CA LEU A 104 -8.06 2.29 -5.61
C LEU A 104 -9.32 2.56 -4.81
N THR A 105 -9.16 3.27 -3.70
CA THR A 105 -10.30 3.60 -2.85
C THR A 105 -11.29 4.42 -3.66
N ASP A 106 -10.80 5.40 -4.42
CA ASP A 106 -11.70 6.21 -5.22
C ASP A 106 -12.46 5.35 -6.22
N VAL A 107 -11.76 4.38 -6.81
CA VAL A 107 -12.40 3.50 -7.79
C VAL A 107 -13.48 2.62 -7.18
N VAL A 108 -13.19 1.98 -6.06
CA VAL A 108 -14.16 1.09 -5.44
C VAL A 108 -15.36 1.79 -4.81
N THR A 109 -15.21 3.05 -4.42
CA THR A 109 -16.30 3.79 -3.82
C THR A 109 -17.15 4.51 -4.86
N GLU A 110 -16.59 4.72 -6.06
CA GLU A 110 -17.31 5.44 -7.11
C GLU A 110 -17.75 4.62 -8.32
N THR A 111 -17.16 3.45 -8.52
CA THR A 111 -17.52 2.63 -9.68
C THR A 111 -17.76 1.17 -9.29
N CYS A 112 -18.10 0.36 -10.27
CA CYS A 112 -18.37 -1.06 -10.05
C CYS A 112 -17.44 -1.88 -10.92
N MET A 113 -16.40 -2.46 -10.31
CA MET A 113 -15.43 -3.27 -11.04
C MET A 113 -15.98 -4.66 -11.34
N ASP A 114 -15.59 -5.23 -12.49
CA ASP A 114 -16.04 -6.59 -12.79
C ASP A 114 -14.90 -7.52 -12.40
N GLU A 115 -15.17 -8.83 -12.39
CA GLU A 115 -14.14 -9.78 -11.98
C GLU A 115 -12.85 -9.74 -12.79
N GLY A 116 -12.93 -9.46 -14.08
CA GLY A 116 -11.73 -9.39 -14.88
C GLY A 116 -10.85 -8.23 -14.48
N GLN A 117 -11.48 -7.14 -14.04
CA GLN A 117 -10.75 -5.95 -13.61
C GLN A 117 -10.20 -6.17 -12.20
N ILE A 118 -10.97 -6.88 -11.38
CA ILE A 118 -10.54 -7.19 -10.02
C ILE A 118 -9.34 -8.13 -10.05
N ALA A 119 -9.39 -9.16 -10.90
CA ALA A 119 -8.28 -10.10 -10.99
C ALA A 119 -6.99 -9.38 -11.40
N ALA A 120 -7.10 -8.39 -12.29
CA ALA A 120 -5.93 -7.66 -12.72
C ALA A 120 -5.30 -6.88 -11.58
N VAL A 121 -6.13 -6.19 -10.78
CA VAL A 121 -5.60 -5.42 -9.66
C VAL A 121 -4.97 -6.37 -8.64
N CYS A 122 -5.64 -7.47 -8.34
CA CYS A 122 -5.12 -8.45 -7.39
C CYS A 122 -3.78 -9.02 -7.87
N ARG A 123 -3.66 -9.25 -9.18
CA ARG A 123 -2.44 -9.80 -9.72
C ARG A 123 -1.27 -8.84 -9.49
N GLU A 124 -1.46 -7.58 -9.85
CA GLU A 124 -0.42 -6.57 -9.70
C GLU A 124 -0.01 -6.39 -8.23
N CYS A 125 -1.00 -6.38 -7.34
CA CYS A 125 -0.70 -6.27 -5.91
C CYS A 125 0.10 -7.46 -5.45
N LEU A 126 -0.28 -8.66 -5.92
CA LEU A 126 0.43 -9.88 -5.52
C LEU A 126 1.86 -9.87 -6.06
N GLN A 127 2.08 -9.26 -7.22
CA GLN A 127 3.42 -9.20 -7.77
C GLN A 127 4.29 -8.35 -6.84
N ALA A 128 3.74 -7.25 -6.34
CA ALA A 128 4.49 -6.39 -5.42
C ALA A 128 4.76 -7.15 -4.11
N LEU A 129 3.74 -7.84 -3.60
CA LEU A 129 3.91 -8.59 -2.35
C LEU A 129 4.90 -9.75 -2.44
N GLU A 130 4.89 -10.49 -3.56
CA GLU A 130 5.81 -11.61 -3.74
C GLU A 130 7.23 -11.08 -3.77
N PHE A 131 7.40 -9.92 -4.43
CA PHE A 131 8.71 -9.31 -4.52
C PHE A 131 9.18 -8.89 -3.13
N LEU A 132 8.34 -8.13 -2.44
CA LEU A 132 8.70 -7.64 -1.10
C LEU A 132 9.01 -8.77 -0.11
N HIS A 133 8.12 -9.76 -0.05
CA HIS A 133 8.29 -10.87 0.89
C HIS A 133 9.54 -11.69 0.60
N SER A 134 9.89 -11.85 -0.68
CA SER A 134 11.07 -12.61 -1.04
C SER A 134 12.30 -11.76 -0.77
N ASN A 135 12.08 -10.46 -0.57
CA ASN A 135 13.17 -9.55 -0.26
C ASN A 135 13.14 -9.13 1.21
N GLN A 136 12.50 -9.95 2.04
CA GLN A 136 12.41 -9.71 3.48
C GLN A 136 11.75 -8.41 3.93
N VAL A 137 10.65 -8.04 3.29
CA VAL A 137 9.94 -6.83 3.68
C VAL A 137 8.44 -7.12 3.77
N ILE A 138 7.85 -6.76 4.91
CA ILE A 138 6.41 -6.92 5.10
C ILE A 138 5.89 -5.49 5.07
N HIS A 139 4.89 -5.22 4.26
CA HIS A 139 4.39 -3.84 4.18
C HIS A 139 3.66 -3.46 5.46
N ARG A 140 2.76 -4.34 5.88
CA ARG A 140 1.97 -4.19 7.10
C ARG A 140 0.83 -3.19 7.09
N ASP A 141 0.67 -2.44 6.00
CA ASP A 141 -0.44 -1.49 5.94
C ASP A 141 -1.08 -1.49 4.57
N ILE A 142 -1.30 -2.68 4.05
CA ILE A 142 -1.92 -2.87 2.75
C ILE A 142 -3.41 -2.49 2.86
N LYS A 143 -3.86 -1.58 2.00
CA LYS A 143 -5.26 -1.15 1.93
C LYS A 143 -5.43 -0.31 0.67
N SER A 144 -6.66 -0.20 0.17
CA SER A 144 -6.89 0.52 -1.07
C SER A 144 -6.34 1.95 -1.12
N ASP A 145 -6.24 2.60 0.03
CA ASP A 145 -5.68 3.95 0.07
C ASP A 145 -4.21 3.93 -0.38
N ASN A 146 -3.52 2.82 -0.12
CA ASN A 146 -2.11 2.71 -0.48
C ASN A 146 -1.81 2.10 -1.82
N ILE A 147 -2.86 1.86 -2.61
CA ILE A 147 -2.70 1.33 -3.96
C ILE A 147 -3.03 2.49 -4.88
N LEU A 148 -2.05 2.96 -5.65
CA LEU A 148 -2.29 4.06 -6.57
C LEU A 148 -2.37 3.55 -8.00
N LEU A 149 -3.03 4.33 -8.85
CA LEU A 149 -3.23 3.93 -10.23
C LEU A 149 -2.74 4.95 -11.25
N GLY A 150 -2.18 4.47 -12.35
CA GLY A 150 -1.74 5.36 -13.39
C GLY A 150 -2.89 5.56 -14.36
N MET A 151 -2.79 6.57 -15.21
CA MET A 151 -3.84 6.84 -16.19
C MET A 151 -3.90 5.71 -17.22
N ASP A 152 -2.86 4.90 -17.29
CA ASP A 152 -2.82 3.79 -18.24
C ASP A 152 -3.27 2.48 -17.57
N GLY A 153 -3.68 2.58 -16.31
CA GLY A 153 -4.14 1.38 -15.61
C GLY A 153 -3.07 0.72 -14.76
N SER A 154 -1.89 1.34 -14.66
CA SER A 154 -0.81 0.78 -13.85
C SER A 154 -1.29 0.68 -12.41
N VAL A 155 -0.83 -0.32 -11.68
CA VAL A 155 -1.20 -0.53 -10.28
C VAL A 155 0.06 -0.57 -9.43
N LYS A 156 0.22 0.39 -8.52
CA LYS A 156 1.42 0.43 -7.69
C LYS A 156 1.16 0.69 -6.21
N LEU A 157 1.97 0.05 -5.37
CA LEU A 157 1.88 0.15 -3.92
C LEU A 157 2.81 1.23 -3.36
N THR A 158 2.35 1.96 -2.35
CA THR A 158 3.17 3.00 -1.73
C THR A 158 3.00 3.07 -0.21
N ASP A 159 3.65 4.08 0.38
CA ASP A 159 3.66 4.32 1.83
C ASP A 159 4.28 3.19 2.65
N PHE A 160 5.60 3.20 2.73
CA PHE A 160 6.31 2.19 3.50
C PHE A 160 6.66 2.73 4.89
N GLY A 161 5.79 3.60 5.41
CA GLY A 161 6.02 4.16 6.72
C GLY A 161 5.78 3.18 7.85
N PHE A 162 5.26 2.00 7.52
CA PHE A 162 4.99 0.99 8.55
C PHE A 162 5.58 -0.38 8.27
N CYS A 163 6.36 -0.50 7.20
CA CYS A 163 6.92 -1.79 6.82
C CYS A 163 7.92 -2.33 7.83
N ALA A 164 8.16 -3.64 7.75
CA ALA A 164 9.10 -4.29 8.65
C ALA A 164 10.12 -5.09 7.85
N GLN A 165 11.37 -5.03 8.27
CA GLN A 165 12.42 -5.79 7.61
C GLN A 165 12.72 -6.98 8.51
N ILE A 166 12.59 -8.18 7.96
CA ILE A 166 12.83 -9.39 8.73
C ILE A 166 14.04 -10.19 8.22
N THR A 167 14.37 -11.25 8.94
CA THR A 167 15.49 -12.12 8.60
C THR A 167 15.19 -13.54 9.06
N PRO A 168 15.91 -14.53 8.51
CA PRO A 168 15.68 -15.93 8.91
C PRO A 168 15.80 -16.09 10.43
N GLU A 169 16.71 -15.32 11.02
CA GLU A 169 16.92 -15.37 12.46
C GLU A 169 15.70 -14.78 13.19
N GLN A 170 15.09 -13.77 12.57
CA GLN A 170 13.92 -13.11 13.17
C GLN A 170 12.89 -12.87 12.07
N SER A 171 12.17 -13.93 11.71
CA SER A 171 11.18 -13.87 10.65
C SER A 171 9.79 -13.34 11.05
N LYS A 172 9.60 -13.01 12.32
CA LYS A 172 8.30 -12.52 12.75
C LYS A 172 8.30 -11.24 13.60
N ARG A 173 7.21 -10.50 13.50
CA ARG A 173 7.04 -9.25 14.24
C ARG A 173 5.87 -9.36 15.20
N SER A 174 5.71 -8.35 16.05
CA SER A 174 4.63 -8.36 17.02
C SER A 174 4.00 -6.97 17.22
N GLU A 175 4.57 -5.96 16.59
CA GLU A 175 4.03 -4.62 16.72
C GLU A 175 2.72 -4.47 15.96
N MET A 176 1.76 -3.80 16.57
CA MET A 176 0.47 -3.54 15.91
C MET A 176 0.62 -2.20 15.21
N VAL A 177 0.73 -2.22 13.89
CA VAL A 177 0.92 -0.98 13.13
C VAL A 177 -0.07 -0.70 12.00
N GLY A 178 -0.77 -1.73 11.53
CA GLY A 178 -1.71 -1.55 10.43
C GLY A 178 -2.97 -0.76 10.71
N THR A 179 -3.89 -0.77 9.75
CA THR A 179 -5.17 -0.08 9.89
C THR A 179 -6.20 -1.15 10.22
N PRO A 180 -6.91 -0.98 11.34
CA PRO A 180 -7.93 -1.89 11.88
C PRO A 180 -8.68 -2.81 10.91
N TYR A 181 -9.49 -2.21 10.04
CA TYR A 181 -10.31 -2.96 9.09
C TYR A 181 -9.57 -3.90 8.14
N TRP A 182 -8.28 -3.65 7.93
CA TRP A 182 -7.47 -4.47 7.02
C TRP A 182 -6.47 -5.36 7.76
N MET A 183 -6.51 -5.32 9.10
CA MET A 183 -5.61 -6.12 9.92
C MET A 183 -5.96 -7.58 10.01
N ALA A 184 -4.95 -8.44 9.94
CA ALA A 184 -5.15 -9.88 10.04
C ALA A 184 -5.37 -10.22 11.52
N PRO A 185 -6.21 -11.23 11.79
CA PRO A 185 -6.53 -11.67 13.15
C PRO A 185 -5.33 -11.91 14.06
N GLU A 186 -4.32 -12.63 13.55
CA GLU A 186 -3.15 -12.95 14.37
C GLU A 186 -2.40 -11.72 14.86
N VAL A 187 -2.62 -10.57 14.23
CA VAL A 187 -1.96 -9.34 14.67
C VAL A 187 -2.52 -8.99 16.04
N VAL A 188 -3.71 -9.50 16.32
CA VAL A 188 -4.39 -9.25 17.57
C VAL A 188 -4.38 -10.48 18.49
N THR A 189 -5.13 -11.51 18.10
CA THR A 189 -5.26 -12.74 18.89
C THR A 189 -3.97 -13.27 19.50
N ARG A 190 -2.84 -13.00 18.87
CA ARG A 190 -1.57 -13.47 19.42
C ARG A 190 -0.41 -12.60 18.99
N LYS A 191 0.78 -12.91 19.51
CA LYS A 191 1.97 -12.16 19.15
C LYS A 191 2.67 -12.95 18.06
N ALA A 192 3.59 -12.31 17.36
CA ALA A 192 4.34 -12.95 16.29
C ALA A 192 3.52 -13.28 15.06
N TYR A 193 3.59 -12.40 14.07
CA TYR A 193 2.88 -12.59 12.80
C TYR A 193 3.94 -12.51 11.71
N GLY A 194 3.62 -12.98 10.52
CA GLY A 194 4.58 -12.96 9.43
C GLY A 194 4.11 -12.24 8.19
N PRO A 195 4.80 -12.46 7.06
CA PRO A 195 4.45 -11.83 5.78
C PRO A 195 3.00 -12.05 5.35
N LYS A 196 2.40 -13.15 5.78
CA LYS A 196 1.02 -13.44 5.38
C LYS A 196 -0.02 -12.45 5.87
N VAL A 197 0.37 -11.52 6.73
CA VAL A 197 -0.59 -10.52 7.19
C VAL A 197 -0.94 -9.61 6.01
N ASP A 198 -0.02 -9.49 5.05
CA ASP A 198 -0.26 -8.67 3.86
C ASP A 198 -1.24 -9.40 2.95
N ILE A 199 -1.17 -10.73 2.96
CA ILE A 199 -2.07 -11.54 2.13
C ILE A 199 -3.50 -11.38 2.62
N TRP A 200 -3.67 -11.31 3.94
CA TRP A 200 -4.99 -11.13 4.52
C TRP A 200 -5.52 -9.76 4.12
N SER A 201 -4.68 -8.75 4.23
CA SER A 201 -5.09 -7.39 3.87
C SER A 201 -5.51 -7.32 2.40
N LEU A 202 -4.82 -8.07 1.56
CA LEU A 202 -5.15 -8.09 0.14
C LEU A 202 -6.56 -8.66 -0.03
N GLY A 203 -6.86 -9.69 0.75
CA GLY A 203 -8.17 -10.32 0.69
C GLY A 203 -9.26 -9.33 1.05
N ILE A 204 -8.99 -8.48 2.03
CA ILE A 204 -9.94 -7.46 2.46
C ILE A 204 -10.11 -6.43 1.33
N MET A 205 -9.03 -6.11 0.64
CA MET A 205 -9.14 -5.16 -0.47
C MET A 205 -10.00 -5.78 -1.57
N ALA A 206 -9.96 -7.10 -1.69
CA ALA A 206 -10.77 -7.79 -2.70
C ALA A 206 -12.25 -7.62 -2.33
N ILE A 207 -12.57 -7.77 -1.05
CA ILE A 207 -13.94 -7.58 -0.59
C ILE A 207 -14.35 -6.14 -0.91
N GLU A 208 -13.44 -5.20 -0.72
CA GLU A 208 -13.68 -3.79 -1.03
C GLU A 208 -14.07 -3.61 -2.49
N MET A 209 -13.34 -4.27 -3.39
CA MET A 209 -13.62 -4.16 -4.81
C MET A 209 -14.97 -4.78 -5.16
N ILE A 210 -15.41 -5.71 -4.33
CA ILE A 210 -16.70 -6.38 -4.54
C ILE A 210 -17.85 -5.61 -3.92
N GLU A 211 -17.71 -5.26 -2.64
CA GLU A 211 -18.79 -4.60 -1.91
C GLU A 211 -18.68 -3.09 -1.72
N GLY A 212 -17.54 -2.51 -2.04
CA GLY A 212 -17.39 -1.07 -1.90
C GLY A 212 -16.74 -0.63 -0.61
N GLU A 213 -16.65 -1.54 0.36
CA GLU A 213 -16.03 -1.23 1.64
C GLU A 213 -15.58 -2.49 2.35
N PRO A 214 -14.63 -2.36 3.29
CA PRO A 214 -14.15 -3.53 4.01
C PRO A 214 -15.20 -3.90 5.07
N PRO A 215 -15.14 -5.13 5.60
CA PRO A 215 -16.13 -5.51 6.61
C PRO A 215 -16.01 -4.61 7.84
N TYR A 216 -17.13 -4.43 8.54
CA TYR A 216 -17.17 -3.63 9.76
C TYR A 216 -16.77 -2.18 9.59
N LEU A 217 -16.90 -1.63 8.39
CA LEU A 217 -16.52 -0.25 8.16
C LEU A 217 -17.32 0.73 9.02
N ASN A 218 -18.62 0.50 9.11
CA ASN A 218 -19.50 1.37 9.91
C ASN A 218 -19.27 1.18 11.40
N GLU A 219 -18.44 0.20 11.75
CA GLU A 219 -18.15 -0.07 13.15
C GLU A 219 -16.97 0.75 13.65
N ASN A 220 -16.84 0.84 14.97
CA ASN A 220 -15.75 1.58 15.59
C ASN A 220 -14.48 0.74 15.50
N PRO A 221 -13.37 1.34 15.04
CA PRO A 221 -12.07 0.66 14.90
C PRO A 221 -11.75 -0.30 16.05
N LEU A 222 -11.87 0.20 17.28
CA LEU A 222 -11.59 -0.63 18.46
C LEU A 222 -12.46 -1.88 18.46
N ARG A 223 -13.72 -1.70 18.06
CA ARG A 223 -14.68 -2.80 18.00
C ARG A 223 -14.35 -3.75 16.85
N ALA A 224 -14.06 -3.16 15.69
CA ALA A 224 -13.72 -3.93 14.49
C ALA A 224 -12.64 -4.97 14.78
N LEU A 225 -11.59 -4.55 15.47
CA LEU A 225 -10.49 -5.46 15.80
C LEU A 225 -11.01 -6.68 16.55
N TYR A 226 -11.87 -6.44 17.53
CA TYR A 226 -12.46 -7.52 18.31
C TYR A 226 -13.24 -8.45 17.42
N LEU A 227 -14.06 -7.88 16.55
CA LEU A 227 -14.87 -8.68 15.63
C LEU A 227 -14.00 -9.50 14.69
N ILE A 228 -12.97 -8.87 14.15
CA ILE A 228 -12.05 -9.56 13.24
C ILE A 228 -11.40 -10.75 13.94
N ALA A 229 -10.90 -10.51 15.14
CA ALA A 229 -10.24 -11.55 15.91
C ALA A 229 -11.20 -12.65 16.37
N THR A 230 -12.45 -12.30 16.63
CA THR A 230 -13.42 -13.29 17.09
C THR A 230 -14.25 -13.97 16.02
N ASN A 231 -14.54 -13.27 14.92
CA ASN A 231 -15.33 -13.88 13.86
C ASN A 231 -14.42 -14.47 12.79
N GLY A 232 -13.23 -13.88 12.65
CA GLY A 232 -12.29 -14.35 11.67
C GLY A 232 -12.69 -14.07 10.23
N THR A 233 -12.59 -15.10 9.39
CA THR A 233 -12.91 -15.00 7.96
C THR A 233 -14.22 -14.27 7.70
N PRO A 234 -14.14 -13.06 7.12
CA PRO A 234 -15.31 -12.25 6.80
C PRO A 234 -16.35 -13.01 5.98
N GLU A 235 -17.60 -12.57 6.06
CA GLU A 235 -18.68 -13.19 5.32
C GLU A 235 -19.12 -12.25 4.19
N LEU A 236 -19.31 -12.80 3.00
CA LEU A 236 -19.72 -12.01 1.86
C LEU A 236 -21.23 -11.82 1.81
N GLN A 237 -21.67 -10.62 1.43
CA GLN A 237 -23.09 -10.30 1.34
C GLN A 237 -23.82 -11.16 0.30
N ASN A 238 -23.30 -11.17 -0.92
CA ASN A 238 -23.91 -11.92 -2.02
C ASN A 238 -22.91 -12.89 -2.66
N PRO A 239 -22.48 -13.91 -1.91
CA PRO A 239 -21.51 -14.89 -2.45
C PRO A 239 -21.92 -15.57 -3.75
N GLU A 240 -23.22 -15.78 -3.94
CA GLU A 240 -23.72 -16.45 -5.15
C GLU A 240 -23.50 -15.66 -6.44
N LYS A 241 -23.17 -14.37 -6.34
CA LYS A 241 -22.95 -13.56 -7.52
C LYS A 241 -21.52 -13.68 -8.03
N LEU A 242 -20.65 -14.29 -7.23
CA LEU A 242 -19.24 -14.44 -7.60
C LEU A 242 -18.94 -15.77 -8.27
N SER A 243 -17.94 -15.78 -9.13
CA SER A 243 -17.56 -17.01 -9.80
C SER A 243 -16.97 -17.97 -8.77
N ALA A 244 -17.01 -19.26 -9.07
CA ALA A 244 -16.46 -20.27 -8.16
C ALA A 244 -14.95 -20.07 -7.96
N ILE A 245 -14.25 -19.69 -9.02
CA ILE A 245 -12.80 -19.52 -8.94
C ILE A 245 -12.40 -18.28 -8.13
N PHE A 246 -13.22 -17.23 -8.16
CA PHE A 246 -12.95 -16.02 -7.39
C PHE A 246 -13.25 -16.34 -5.92
N ARG A 247 -14.33 -17.05 -5.66
CA ARG A 247 -14.66 -17.41 -4.29
C ARG A 247 -13.53 -18.22 -3.67
N ASP A 248 -12.93 -19.10 -4.48
CA ASP A 248 -11.82 -19.93 -3.99
C ASP A 248 -10.61 -19.07 -3.68
N PHE A 249 -10.35 -18.10 -4.54
CA PHE A 249 -9.22 -17.18 -4.35
C PHE A 249 -9.39 -16.46 -3.02
N LEU A 250 -10.58 -15.89 -2.81
CA LEU A 250 -10.90 -15.19 -1.58
C LEU A 250 -10.67 -16.04 -0.33
N ASN A 251 -11.14 -17.27 -0.36
CA ASN A 251 -10.97 -18.17 0.79
C ASN A 251 -9.50 -18.43 1.11
N ARG A 252 -8.66 -18.47 0.07
CA ARG A 252 -7.22 -18.72 0.26
C ARG A 252 -6.51 -17.52 0.89
N CYS A 253 -7.02 -16.32 0.61
CA CYS A 253 -6.44 -15.09 1.14
C CYS A 253 -6.91 -14.83 2.58
N LEU A 254 -8.17 -15.16 2.85
CA LEU A 254 -8.74 -14.91 4.16
C LEU A 254 -8.89 -16.10 5.08
N ASP A 255 -7.94 -17.03 5.01
CA ASP A 255 -7.98 -18.21 5.86
C ASP A 255 -7.45 -17.86 7.26
N MET A 256 -8.13 -18.37 8.29
CA MET A 256 -7.74 -18.11 9.67
C MET A 256 -6.39 -18.71 10.00
N ASP A 257 -6.21 -19.98 9.67
CA ASP A 257 -4.96 -20.67 9.93
C ASP A 257 -3.87 -20.11 9.02
N VAL A 258 -2.93 -19.37 9.63
CA VAL A 258 -1.84 -18.76 8.90
C VAL A 258 -1.15 -19.76 7.98
N GLU A 259 -0.87 -20.95 8.51
CA GLU A 259 -0.21 -21.99 7.73
C GLU A 259 -1.03 -22.33 6.49
N LYS A 260 -2.34 -22.37 6.64
CA LYS A 260 -3.24 -22.71 5.54
C LYS A 260 -3.43 -21.57 4.54
N ARG A 261 -3.21 -20.34 4.98
CA ARG A 261 -3.38 -19.17 4.12
C ARG A 261 -2.36 -19.19 2.99
N GLY A 262 -2.79 -18.88 1.78
CA GLY A 262 -1.85 -18.89 0.66
C GLY A 262 -0.77 -17.84 0.85
N SER A 263 0.42 -18.12 0.33
CA SER A 263 1.51 -17.15 0.38
C SER A 263 1.39 -16.41 -0.95
N ALA A 264 2.19 -15.36 -1.12
CA ALA A 264 2.16 -14.57 -2.34
C ALA A 264 2.59 -15.43 -3.55
N LYS A 265 3.68 -16.17 -3.39
CA LYS A 265 4.20 -17.02 -4.46
C LYS A 265 3.18 -18.06 -4.91
N GLU A 266 2.42 -18.58 -3.95
CA GLU A 266 1.41 -19.59 -4.26
C GLU A 266 0.21 -18.98 -4.98
N LEU A 267 -0.28 -17.86 -4.45
CA LEU A 267 -1.44 -17.20 -5.04
C LEU A 267 -1.19 -16.61 -6.42
N LEU A 268 0.06 -16.33 -6.75
CA LEU A 268 0.39 -15.79 -8.05
C LEU A 268 0.10 -16.82 -9.14
N GLN A 269 0.03 -18.08 -8.71
CA GLN A 269 -0.26 -19.20 -9.60
C GLN A 269 -1.76 -19.48 -9.69
N HIS A 270 -2.55 -18.86 -8.82
CA HIS A 270 -4.00 -19.10 -8.79
C HIS A 270 -4.70 -18.78 -10.10
N GLN A 271 -5.61 -19.66 -10.51
CA GLN A 271 -6.33 -19.50 -11.77
C GLN A 271 -7.26 -18.30 -11.86
N PHE A 272 -7.67 -17.75 -10.72
CA PHE A 272 -8.53 -16.55 -10.75
C PHE A 272 -7.79 -15.42 -11.44
N LEU A 273 -6.48 -15.32 -11.20
CA LEU A 273 -5.68 -14.26 -11.81
C LEU A 273 -5.62 -14.38 -13.34
N LYS A 274 -5.83 -15.59 -13.84
CA LYS A 274 -5.77 -15.81 -15.27
C LYS A 274 -6.94 -15.24 -16.07
N ILE A 275 -8.00 -14.80 -15.38
CA ILE A 275 -9.13 -14.21 -16.11
C ILE A 275 -8.94 -12.70 -16.20
N ALA A 276 -7.80 -12.22 -15.73
CA ALA A 276 -7.51 -10.80 -15.75
C ALA A 276 -7.61 -10.14 -17.12
N LYS A 277 -8.28 -8.99 -17.15
CA LYS A 277 -8.40 -8.22 -18.38
C LYS A 277 -7.14 -7.36 -18.45
N PRO A 278 -6.85 -6.77 -19.62
CA PRO A 278 -5.66 -5.92 -19.69
C PRO A 278 -5.86 -4.75 -18.73
N LEU A 279 -4.77 -4.23 -18.18
CA LEU A 279 -4.86 -3.12 -17.24
C LEU A 279 -5.53 -1.91 -17.88
N SER A 280 -5.47 -1.81 -19.19
CA SER A 280 -6.11 -0.69 -19.88
C SER A 280 -7.61 -0.68 -19.59
N SER A 281 -8.15 -1.82 -19.15
CA SER A 281 -9.58 -1.91 -18.86
C SER A 281 -9.95 -1.07 -17.65
N LEU A 282 -8.96 -0.66 -16.87
CA LEU A 282 -9.24 0.14 -15.68
C LEU A 282 -9.37 1.65 -15.98
N THR A 283 -8.87 2.08 -17.13
CA THR A 283 -8.91 3.51 -17.47
C THR A 283 -10.31 4.13 -17.41
N PRO A 284 -11.34 3.41 -17.84
CA PRO A 284 -12.67 4.03 -17.77
C PRO A 284 -13.10 4.25 -16.31
N LEU A 285 -12.78 3.30 -15.44
CA LEU A 285 -13.14 3.40 -14.03
C LEU A 285 -12.40 4.54 -13.36
N ILE A 286 -11.13 4.68 -13.69
CA ILE A 286 -10.28 5.73 -13.14
C ILE A 286 -10.82 7.10 -13.55
N ALA A 287 -11.15 7.25 -14.82
CA ALA A 287 -11.67 8.51 -15.32
C ALA A 287 -12.95 8.88 -14.55
N ALA A 288 -13.88 7.94 -14.48
CA ALA A 288 -15.14 8.16 -13.78
C ALA A 288 -14.90 8.51 -12.32
N ALA A 289 -14.08 7.72 -11.64
CA ALA A 289 -13.79 7.96 -10.24
C ALA A 289 -13.14 9.32 -10.02
N LYS A 290 -12.21 9.68 -10.89
CA LYS A 290 -11.53 10.96 -10.78
C LYS A 290 -12.50 12.12 -10.93
N GLU A 291 -13.34 12.07 -11.96
CA GLU A 291 -14.32 13.13 -12.18
C GLU A 291 -15.19 13.31 -10.95
N ALA A 292 -15.62 12.19 -10.38
CA ALA A 292 -16.46 12.21 -9.19
C ALA A 292 -15.71 12.68 -7.95
N THR A 293 -14.39 12.53 -7.98
CA THR A 293 -13.55 12.94 -6.86
C THR A 293 -13.34 14.45 -6.85
C1 1ST B . 3.73 8.54 -0.46
C2 1ST B . 4.09 8.32 0.88
C3 1ST B . 3.21 8.63 1.93
C4 1ST B . 1.93 9.17 1.70
C5 1ST B . 1.53 9.41 0.34
N6 1ST B . 0.34 9.93 -0.23
C7 1ST B . 0.49 9.91 -1.64
C8 1ST B . -0.44 10.30 -2.67
N9 1ST B . -1.72 10.82 -2.58
C10 1ST B . -2.24 11.00 -3.87
C11 1ST B . -3.51 11.49 -4.32
C12 1ST B . -3.74 11.54 -5.71
C13 1ST B . -2.76 11.15 -6.63
C14 1ST B . -1.48 10.68 -6.21
C15 1ST B . -1.23 10.61 -4.82
C16 1ST B . -0.06 10.16 -4.05
C17 1ST B . 1.26 9.66 -4.38
C18 1ST B . 1.95 9.42 -5.69
N19 1ST B . 3.20 8.94 -5.48
C20 1ST B . 3.42 8.81 -4.03
C21 1ST B . 2.15 9.30 -3.36
C22 1ST B . 1.77 9.41 -1.99
C23 1ST B . 2.45 9.09 -0.73
C24 1ST B . -0.93 10.38 0.44
C25 1ST B . -1.88 9.16 0.65
C26 1ST B . -3.35 9.63 0.48
C27 1ST B . -3.54 10.08 -0.99
C28 1ST B . -2.47 11.14 -1.36
O29 1ST B . -1.58 11.45 -0.29
O30 1ST B . 1.47 9.64 -6.78
N31 1ST B . -4.30 8.52 0.88
C32 1ST B . -4.71 7.68 -0.28
O33 1ST B . -1.59 8.16 -0.36
C34 1ST B . -1.12 6.97 0.29
C35 1ST B . -0.68 11.00 1.84
O36 1ST B . -3.04 11.20 -7.97
#